data_9M15
#
_entry.id   9M15
#
_cell.length_a   152.660
_cell.length_b   44.670
_cell.length_c   42.060
_cell.angle_alpha   90.00
_cell.angle_beta   95.83
_cell.angle_gamma   90.00
#
_symmetry.space_group_name_H-M   'C 1 2 1'
#
loop_
_entity.id
_entity.type
_entity.pdbx_description
1 polymer 'Vitamin D3 receptor'
2 polymer 'Mediator of RNA polymerase II transcription subunit 1'
3 non-polymer '(4~{S})-5-[4-[[4-(2-ethyl-2-oxidanyl-butoxy)-2-methyl-phenyl]-dimethyl-silyl]-3-methyl-phenoxy]-4-oxidanyl-pentanoic acid'
4 water water
#
loop_
_entity_poly.entity_id
_entity_poly.type
_entity_poly.pdbx_seq_one_letter_code
_entity_poly.pdbx_strand_id
1 'polypeptide(L)'
;GSHMGSPNSPLKDSLRPKLSEEQQHIIAILLDAHHKTYDPTYADFRDFRPPVRMDGSTGSVTLDLSPLSMLPHLADLVSY
SIQKVIGFAKMIPGFRDLTSDDQIVLLKSSAIEVIMLRSNQSFTMDDMSWDCGSQDYKYDVTDVSKAGHTLELIEPLIKF
QVGLKKLNLHEEEHVLLMAICIVSPDRPGVQDAKLVEAIQDRLSNTLQTYIRCRHPPPGSHQLYAKMIQKLADLRSLNEE
HSKQYRSLSFQPENSMKLTPLVLEVFGNEIS
;
A
2 'polypeptide(L)' KNHPMLMNLLKDN C
#
loop_
_chem_comp.id
_chem_comp.type
_chem_comp.name
_chem_comp.formula
A1L73 non-polymer '(4~{S})-5-[4-[[4-(2-ethyl-2-oxidanyl-butoxy)-2-methyl-phenyl]-dimethyl-silyl]-3-methyl-phenoxy]-4-oxidanyl-pentanoic acid' 'C27 H40 O6 Si'
#
# COMPACT_ATOMS: atom_id res chain seq x y z
N LYS A 18 -29.30 4.76 -2.38
CA LYS A 18 -28.56 4.55 -3.64
C LYS A 18 -27.48 3.50 -3.47
N LEU A 19 -26.83 3.48 -2.30
CA LEU A 19 -25.94 2.37 -1.97
C LEU A 19 -26.77 1.11 -1.79
N SER A 20 -26.61 0.15 -2.71
CA SER A 20 -27.34 -1.10 -2.62
C SER A 20 -26.88 -1.90 -1.40
N GLU A 21 -27.61 -2.99 -1.14
CA GLU A 21 -27.26 -3.90 -0.05
C GLU A 21 -25.86 -4.48 -0.23
N GLU A 22 -25.52 -4.86 -1.47
CA GLU A 22 -24.22 -5.43 -1.76
C GLU A 22 -23.11 -4.41 -1.54
N GLN A 23 -23.37 -3.14 -1.87
CA GLN A 23 -22.35 -2.11 -1.75
C GLN A 23 -22.06 -1.78 -0.28
N GLN A 24 -23.10 -1.65 0.53
CA GLN A 24 -22.90 -1.47 1.97
C GLN A 24 -22.15 -2.66 2.56
N HIS A 25 -22.45 -3.86 2.06
CA HIS A 25 -21.81 -5.08 2.55
C HIS A 25 -20.32 -5.08 2.22
N ILE A 26 -19.98 -4.75 0.96
CA ILE A 26 -18.58 -4.67 0.54
C ILE A 26 -17.84 -3.65 1.39
N ILE A 27 -18.46 -2.49 1.62
CA ILE A 27 -17.80 -1.43 2.38
C ILE A 27 -17.56 -1.87 3.81
N ALA A 28 -18.55 -2.50 4.43
CA ALA A 28 -18.39 -3.00 5.81
C ALA A 28 -17.26 -4.02 5.89
N ILE A 29 -17.14 -4.87 4.88
CA ILE A 29 -16.07 -5.88 4.86
C ILE A 29 -14.70 -5.21 4.80
N LEU A 30 -14.55 -4.25 3.88
CA LEU A 30 -13.25 -3.61 3.70
C LEU A 30 -12.87 -2.77 4.91
N LEU A 31 -13.85 -2.14 5.57
N LEU A 31 -13.86 -2.11 5.54
CA LEU A 31 -13.54 -1.38 6.77
CA LEU A 31 -13.60 -1.38 6.78
C LEU A 31 -13.10 -2.30 7.91
C LEU A 31 -13.07 -2.32 7.85
N ASP A 32 -13.74 -3.46 8.05
CA ASP A 32 -13.31 -4.41 9.07
C ASP A 32 -11.93 -4.96 8.75
N ALA A 33 -11.68 -5.28 7.47
CA ALA A 33 -10.37 -5.76 7.06
C ALA A 33 -9.28 -4.75 7.38
N HIS A 34 -9.57 -3.46 7.19
CA HIS A 34 -8.58 -2.42 7.44
C HIS A 34 -8.36 -2.21 8.94
N HIS A 35 -9.42 -2.26 9.73
CA HIS A 35 -9.26 -2.12 11.17
C HIS A 35 -8.55 -3.31 11.78
N LYS A 36 -8.58 -4.46 11.09
N LYS A 36 -8.57 -4.47 11.10
CA LYS A 36 -7.87 -5.65 11.55
CA LYS A 36 -7.85 -5.64 11.56
C LYS A 36 -6.40 -5.65 11.14
C LYS A 36 -6.40 -5.67 11.12
N THR A 37 -6.00 -4.77 10.22
CA THR A 37 -4.64 -4.76 9.69
C THR A 37 -3.93 -3.42 9.87
N TYR A 38 -4.52 -2.48 10.60
CA TYR A 38 -3.88 -1.19 10.87
C TYR A 38 -4.04 -0.87 12.35
N ASP A 39 -2.93 -0.95 13.09
CA ASP A 39 -2.93 -0.63 14.51
C ASP A 39 -2.60 0.85 14.70
N PRO A 40 -3.55 1.68 15.13
CA PRO A 40 -3.25 3.09 15.38
C PRO A 40 -2.48 3.34 16.67
N THR A 41 -2.24 2.33 17.49
CA THR A 41 -1.33 2.49 18.62
C THR A 41 0.13 2.30 18.23
N TYR A 42 0.39 1.68 17.08
CA TYR A 42 1.74 1.45 16.57
C TYR A 42 2.59 0.73 17.63
N ALA A 43 1.96 -0.20 18.35
CA ALA A 43 2.63 -0.87 19.45
C ALA A 43 3.73 -1.80 18.97
N ASP A 44 3.58 -2.37 17.78
CA ASP A 44 4.55 -3.34 17.29
C ASP A 44 5.83 -2.71 16.76
N PHE A 45 5.85 -1.38 16.56
CA PHE A 45 7.06 -0.71 16.13
C PHE A 45 8.18 -0.86 17.15
N ARG A 46 7.83 -1.17 18.40
CA ARG A 46 8.81 -1.38 19.45
C ARG A 46 9.59 -2.68 19.26
N ASP A 47 9.04 -3.62 18.49
CA ASP A 47 9.73 -4.89 18.26
C ASP A 47 10.61 -4.87 17.02
N PHE A 48 10.66 -3.75 16.29
CA PHE A 48 11.58 -3.60 15.19
C PHE A 48 12.99 -3.30 15.71
N ARG A 49 13.98 -3.53 14.85
CA ARG A 49 15.30 -3.01 15.14
C ARG A 49 15.18 -1.49 15.33
N PRO A 50 15.87 -0.92 16.32
CA PRO A 50 15.61 0.46 16.69
C PRO A 50 16.01 1.41 15.58
N PRO A 51 15.40 2.59 15.52
CA PRO A 51 15.89 3.60 14.57
C PRO A 51 17.20 4.19 15.07
N VAL A 52 18.15 4.34 14.16
CA VAL A 52 19.42 5.00 14.43
C VAL A 52 19.53 6.19 13.50
N ARG A 53 19.59 7.38 14.07
CA ARG A 53 19.71 8.62 13.30
C ARG A 53 21.16 9.09 13.46
N MET A 54 21.99 8.78 12.45
CA MET A 54 23.46 8.78 12.51
C MET A 54 24.09 9.66 13.59
N SER A 66 28.55 3.25 7.12
CA SER A 66 27.11 3.01 7.07
C SER A 66 26.30 4.31 7.12
N PRO A 67 26.24 5.04 6.01
CA PRO A 67 25.31 6.16 5.91
C PRO A 67 23.86 5.75 5.72
N LEU A 68 23.54 4.47 5.92
CA LEU A 68 22.17 3.98 5.84
C LEU A 68 21.72 3.53 7.21
N SER A 69 21.79 4.44 8.19
CA SER A 69 21.55 4.07 9.58
C SER A 69 20.09 3.73 9.84
N MET A 70 19.16 4.21 9.03
CA MET A 70 17.75 3.89 9.19
C MET A 70 17.33 2.64 8.41
N LEU A 71 18.24 2.03 7.65
CA LEU A 71 17.86 0.88 6.83
C LEU A 71 17.37 -0.31 7.65
N PRO A 72 18.01 -0.71 8.74
CA PRO A 72 17.44 -1.83 9.52
C PRO A 72 16.05 -1.53 10.05
N HIS A 73 15.83 -0.34 10.62
CA HIS A 73 14.51 0.00 11.14
C HIS A 73 13.47 0.04 10.03
N LEU A 74 13.75 0.78 8.95
CA LEU A 74 12.74 0.94 7.91
C LEU A 74 12.52 -0.35 7.13
N ALA A 75 13.55 -1.20 7.00
CA ALA A 75 13.36 -2.52 6.42
C ALA A 75 12.37 -3.34 7.24
N ASP A 76 12.53 -3.32 8.57
CA ASP A 76 11.57 -4.04 9.41
C ASP A 76 10.18 -3.44 9.26
N LEU A 77 10.10 -2.12 9.11
CA LEU A 77 8.81 -1.47 8.94
C LEU A 77 8.13 -1.90 7.63
N VAL A 78 8.88 -1.86 6.54
CA VAL A 78 8.35 -2.29 5.24
C VAL A 78 7.91 -3.75 5.30
N SER A 79 8.75 -4.60 5.89
CA SER A 79 8.41 -6.02 6.04
C SER A 79 7.11 -6.21 6.81
N TYR A 80 6.98 -5.50 7.94
CA TYR A 80 5.74 -5.52 8.71
C TYR A 80 4.56 -5.04 7.86
N SER A 81 4.78 -4.02 7.04
CA SER A 81 3.69 -3.45 6.25
C SER A 81 3.25 -4.39 5.14
N ILE A 82 4.20 -5.10 4.53
CA ILE A 82 3.85 -6.11 3.54
C ILE A 82 2.91 -7.15 4.13
N GLN A 83 3.22 -7.62 5.35
CA GLN A 83 2.37 -8.60 5.99
C GLN A 83 0.97 -8.04 6.24
N LYS A 84 0.88 -6.76 6.59
CA LYS A 84 -0.44 -6.13 6.78
C LYS A 84 -1.19 -6.03 5.46
N VAL A 85 -0.48 -5.73 4.37
CA VAL A 85 -1.13 -5.61 3.07
C VAL A 85 -1.67 -6.95 2.60
N ILE A 86 -0.93 -8.04 2.85
CA ILE A 86 -1.40 -9.37 2.48
C ILE A 86 -2.64 -9.74 3.29
N GLY A 87 -2.70 -9.35 4.56
CA GLY A 87 -3.87 -9.66 5.38
C GLY A 87 -5.09 -8.89 4.93
N PHE A 88 -4.91 -7.61 4.58
CA PHE A 88 -6.00 -6.84 4.02
C PHE A 88 -6.47 -7.44 2.70
N ALA A 89 -5.53 -7.74 1.80
CA ALA A 89 -5.90 -8.21 0.47
C ALA A 89 -6.72 -9.49 0.54
N LYS A 90 -6.37 -10.39 1.47
N LYS A 90 -6.37 -10.38 1.48
CA LYS A 90 -7.08 -11.67 1.58
CA LYS A 90 -7.08 -11.66 1.58
C LYS A 90 -8.55 -11.49 1.93
C LYS A 90 -8.56 -11.47 1.91
N MET A 91 -8.92 -10.36 2.53
CA MET A 91 -10.29 -10.09 2.93
C MET A 91 -11.06 -9.28 1.89
N ILE A 92 -10.42 -8.92 0.78
CA ILE A 92 -11.10 -8.22 -0.31
C ILE A 92 -12.08 -9.17 -0.96
N PRO A 93 -13.37 -8.84 -1.03
CA PRO A 93 -14.35 -9.75 -1.64
C PRO A 93 -13.95 -10.09 -3.07
N GLY A 94 -13.79 -11.38 -3.33
CA GLY A 94 -13.41 -11.88 -4.64
C GLY A 94 -11.96 -12.28 -4.77
N PHE A 95 -11.08 -11.72 -3.92
CA PHE A 95 -9.66 -12.00 -4.04
C PHE A 95 -9.36 -13.49 -3.88
N ARG A 96 -10.10 -14.14 -2.97
N ARG A 96 -10.07 -14.18 -3.00
CA ARG A 96 -9.98 -15.58 -2.74
CA ARG A 96 -9.73 -15.58 -2.85
C ARG A 96 -10.26 -16.39 -4.00
C ARG A 96 -10.35 -16.47 -3.95
N ASP A 97 -11.18 -15.91 -4.84
CA ASP A 97 -11.59 -16.64 -6.03
C ASP A 97 -10.52 -16.68 -7.11
N LEU A 98 -9.49 -15.84 -7.00
CA LEU A 98 -8.40 -15.86 -7.96
C LEU A 98 -7.49 -17.06 -7.70
N THR A 99 -6.79 -17.49 -8.75
CA THR A 99 -5.77 -18.51 -8.61
C THR A 99 -4.64 -18.00 -7.71
N SER A 100 -3.86 -18.95 -7.18
CA SER A 100 -2.75 -18.58 -6.32
C SER A 100 -1.72 -17.73 -7.08
N ASP A 101 -1.46 -18.08 -8.34
CA ASP A 101 -0.52 -17.31 -9.15
C ASP A 101 -0.96 -15.86 -9.28
N ASP A 102 -2.24 -15.63 -9.56
CA ASP A 102 -2.71 -14.26 -9.72
C ASP A 102 -2.72 -13.52 -8.39
N GLN A 103 -2.99 -14.22 -7.29
CA GLN A 103 -2.89 -13.58 -5.98
C GLN A 103 -1.47 -13.13 -5.70
N ILE A 104 -0.48 -13.91 -6.14
N ILE A 104 -0.49 -13.94 -6.10
CA ILE A 104 0.91 -13.58 -5.86
CA ILE A 104 0.93 -13.61 -5.89
C ILE A 104 1.35 -12.39 -6.71
C ILE A 104 1.29 -12.37 -6.69
N VAL A 105 1.07 -12.42 -8.00
CA VAL A 105 1.48 -11.31 -8.87
C VAL A 105 0.80 -10.02 -8.48
N LEU A 106 -0.44 -10.08 -8.01
CA LEU A 106 -1.14 -8.86 -7.61
C LEU A 106 -0.51 -8.25 -6.37
N LEU A 107 -0.14 -9.08 -5.39
CA LEU A 107 0.46 -8.55 -4.17
C LEU A 107 1.90 -8.09 -4.41
N LYS A 108 2.64 -8.80 -5.27
CA LYS A 108 4.01 -8.39 -5.56
C LYS A 108 4.07 -7.04 -6.25
N SER A 109 3.17 -6.79 -7.20
CA SER A 109 3.20 -5.51 -7.91
C SER A 109 2.57 -4.39 -7.10
N SER A 110 1.57 -4.70 -6.28
CA SER A 110 0.82 -3.67 -5.57
C SER A 110 1.39 -3.29 -4.21
N ALA A 111 2.23 -4.13 -3.59
CA ALA A 111 2.56 -3.98 -2.18
C ALA A 111 3.11 -2.59 -1.86
N ILE A 112 4.12 -2.14 -2.62
CA ILE A 112 4.72 -0.84 -2.30
C ILE A 112 3.70 0.27 -2.46
N GLU A 113 2.77 0.13 -3.41
CA GLU A 113 1.75 1.15 -3.62
C GLU A 113 0.76 1.19 -2.47
N VAL A 114 0.30 0.03 -1.99
CA VAL A 114 -0.66 0.01 -0.85
C VAL A 114 0.06 0.51 0.41
N ILE A 115 1.35 0.21 0.54
CA ILE A 115 2.09 0.71 1.69
C ILE A 115 2.15 2.23 1.65
N MET A 116 2.52 2.79 0.51
CA MET A 116 2.55 4.25 0.37
C MET A 116 1.17 4.84 0.62
N LEU A 117 0.13 4.18 0.10
CA LEU A 117 -1.25 4.64 0.28
C LEU A 117 -1.66 4.58 1.73
N ARG A 118 -1.53 3.42 2.37
CA ARG A 118 -1.98 3.26 3.75
C ARG A 118 -1.15 4.08 4.72
N SER A 119 0.10 4.44 4.37
CA SER A 119 0.91 5.24 5.27
C SER A 119 0.36 6.65 5.47
N ASN A 120 -0.51 7.11 4.56
CA ASN A 120 -1.04 8.47 4.66
C ASN A 120 -1.82 8.69 5.94
N GLN A 121 -2.44 7.64 6.48
CA GLN A 121 -3.17 7.75 7.74
C GLN A 121 -2.25 8.12 8.90
N SER A 122 -0.94 7.84 8.78
CA SER A 122 0.03 8.28 9.77
C SER A 122 0.72 9.59 9.38
N PHE A 123 0.55 10.05 8.15
CA PHE A 123 1.20 11.27 7.69
C PHE A 123 0.61 12.49 8.38
N THR A 124 1.49 13.33 8.92
CA THR A 124 1.10 14.60 9.51
C THR A 124 1.77 15.72 8.73
N MET A 125 0.99 16.72 8.33
CA MET A 125 1.55 17.80 7.53
C MET A 125 2.13 18.93 8.37
N ASP A 126 2.09 18.82 9.70
CA ASP A 126 2.80 19.75 10.56
C ASP A 126 4.24 19.90 10.12
N ASP A 127 4.98 18.78 10.11
CA ASP A 127 6.38 18.76 9.72
C ASP A 127 6.63 17.83 8.54
N MET A 128 5.60 17.52 7.76
CA MET A 128 5.73 16.71 6.54
C MET A 128 6.38 15.37 6.84
N SER A 129 5.91 14.71 7.90
CA SER A 129 6.49 13.44 8.32
C SER A 129 5.40 12.42 8.55
N TRP A 130 5.84 11.17 8.76
CA TRP A 130 4.95 10.06 9.10
C TRP A 130 5.10 9.85 10.60
N ASP A 131 4.09 10.26 11.36
CA ASP A 131 4.11 10.16 12.82
C ASP A 131 3.51 8.82 13.22
N CYS A 132 4.32 7.96 13.82
CA CYS A 132 3.86 6.62 14.12
C CYS A 132 3.95 6.35 15.62
N GLY A 133 3.49 7.31 16.44
CA GLY A 133 3.27 7.07 17.86
C GLY A 133 4.18 7.85 18.79
N SER A 134 5.41 8.17 18.36
CA SER A 134 6.37 8.81 19.23
C SER A 134 7.42 9.51 18.38
N GLN A 135 8.33 10.22 19.05
CA GLN A 135 9.41 10.89 18.35
C GLN A 135 10.38 9.88 17.73
N ASP A 136 10.61 8.76 18.42
CA ASP A 136 11.42 7.69 17.87
C ASP A 136 10.85 7.20 16.54
N TYR A 137 9.55 6.95 16.51
CA TYR A 137 8.88 6.38 15.34
C TYR A 137 8.18 7.48 14.53
N LYS A 138 8.93 8.55 14.27
CA LYS A 138 8.49 9.64 13.41
C LYS A 138 9.53 9.80 12.32
N TYR A 139 9.11 9.70 11.06
CA TYR A 139 10.01 9.56 9.92
C TYR A 139 9.81 10.73 8.98
N ASP A 140 10.89 11.49 8.72
CA ASP A 140 10.83 12.66 7.86
C ASP A 140 11.63 12.41 6.59
N VAL A 141 11.82 13.48 5.80
CA VAL A 141 12.51 13.36 4.52
C VAL A 141 13.89 12.72 4.70
N THR A 142 14.60 13.09 5.76
CA THR A 142 15.97 12.61 5.94
C THR A 142 16.02 11.21 6.53
N ASP A 143 14.97 10.79 7.24
CA ASP A 143 14.91 9.40 7.69
C ASP A 143 14.82 8.45 6.50
N VAL A 144 14.03 8.79 5.49
CA VAL A 144 13.89 7.93 4.33
C VAL A 144 15.19 7.91 3.52
N SER A 145 15.85 9.06 3.41
CA SER A 145 17.15 9.09 2.74
C SER A 145 18.16 8.20 3.47
N LYS A 146 18.09 8.14 4.80
CA LYS A 146 18.95 7.25 5.57
C LYS A 146 18.61 5.77 5.39
N ALA A 147 17.67 5.41 4.53
CA ALA A 147 17.50 4.03 4.10
C ALA A 147 17.93 3.83 2.67
N GLY A 148 18.52 4.85 2.04
CA GLY A 148 19.13 4.73 0.73
C GLY A 148 18.44 5.48 -0.40
N HIS A 149 17.30 6.11 -0.18
CA HIS A 149 16.57 6.71 -1.29
C HIS A 149 16.91 8.19 -1.44
N THR A 150 16.76 8.68 -2.68
CA THR A 150 17.02 10.07 -3.05
C THR A 150 15.71 10.85 -3.22
N LEU A 151 15.85 12.16 -3.45
CA LEU A 151 14.67 12.99 -3.70
C LEU A 151 13.96 12.60 -4.99
N GLU A 152 14.62 11.89 -5.89
CA GLU A 152 13.95 11.37 -7.08
C GLU A 152 12.69 10.60 -6.72
N LEU A 153 12.70 9.91 -5.59
CA LEU A 153 11.53 9.21 -5.06
C LEU A 153 10.82 10.01 -3.98
N ILE A 154 11.58 10.57 -3.04
CA ILE A 154 10.98 11.11 -1.83
C ILE A 154 10.17 12.36 -2.12
N GLU A 155 10.68 13.25 -2.98
CA GLU A 155 9.93 14.47 -3.28
C GLU A 155 8.57 14.16 -3.87
N PRO A 156 8.43 13.34 -4.92
CA PRO A 156 7.07 12.97 -5.35
C PRO A 156 6.29 12.20 -4.30
N LEU A 157 6.98 11.46 -3.42
CA LEU A 157 6.28 10.72 -2.37
C LEU A 157 5.64 11.68 -1.36
N ILE A 158 6.36 12.73 -0.97
CA ILE A 158 5.82 13.71 -0.01
C ILE A 158 4.64 14.46 -0.61
N LYS A 159 4.78 14.91 -1.86
CA LYS A 159 3.69 15.64 -2.49
C LYS A 159 2.48 14.74 -2.72
N PHE A 160 2.71 13.46 -3.03
CA PHE A 160 1.63 12.50 -3.09
C PHE A 160 0.87 12.45 -1.78
N GLN A 161 1.59 12.35 -0.66
CA GLN A 161 0.93 12.31 0.64
C GLN A 161 0.16 13.59 0.91
N VAL A 162 0.72 14.74 0.51
CA VAL A 162 0.05 16.01 0.72
C VAL A 162 -1.20 16.09 -0.14
N GLY A 163 -1.10 15.74 -1.42
CA GLY A 163 -2.29 15.71 -2.26
C GLY A 163 -3.37 14.80 -1.73
N LEU A 164 -2.97 13.63 -1.23
CA LEU A 164 -3.93 12.70 -0.61
C LEU A 164 -4.63 13.37 0.57
N LYS A 165 -3.85 14.03 1.43
CA LYS A 165 -4.45 14.71 2.58
C LYS A 165 -5.47 15.76 2.14
N LYS A 166 -5.14 16.52 1.09
CA LYS A 166 -6.05 17.56 0.62
C LYS A 166 -7.42 16.99 0.26
N LEU A 167 -7.47 15.77 -0.26
CA LEU A 167 -8.74 15.17 -0.70
C LEU A 167 -9.70 14.94 0.46
N ASN A 168 -9.21 14.82 1.69
CA ASN A 168 -10.06 14.62 2.86
C ASN A 168 -10.97 13.41 2.68
N LEU A 169 -10.35 12.26 2.41
CA LEU A 169 -11.10 11.06 2.09
C LEU A 169 -11.75 10.48 3.34
N HIS A 170 -12.99 10.01 3.18
CA HIS A 170 -13.58 9.15 4.18
C HIS A 170 -12.78 7.86 4.26
N GLU A 171 -12.77 7.25 5.46
CA GLU A 171 -12.15 5.94 5.60
C GLU A 171 -12.75 4.96 4.58
N GLU A 172 -14.06 5.07 4.32
CA GLU A 172 -14.72 4.19 3.36
C GLU A 172 -14.06 4.29 1.98
N GLU A 173 -13.85 5.51 1.49
CA GLU A 173 -13.23 5.66 0.18
C GLU A 173 -11.74 5.27 0.22
N HIS A 174 -11.09 5.47 1.37
CA HIS A 174 -9.69 5.06 1.52
C HIS A 174 -9.53 3.55 1.36
N VAL A 175 -10.36 2.76 2.04
CA VAL A 175 -10.20 1.31 1.95
C VAL A 175 -10.64 0.81 0.59
N LEU A 176 -11.64 1.45 -0.02
CA LEU A 176 -12.01 1.10 -1.39
C LEU A 176 -10.85 1.35 -2.35
N LEU A 177 -10.14 2.46 -2.15
CA LEU A 177 -8.99 2.79 -3.01
C LEU A 177 -7.88 1.75 -2.86
N MET A 178 -7.59 1.34 -1.62
CA MET A 178 -6.57 0.33 -1.42
C MET A 178 -6.95 -0.97 -2.12
N ALA A 179 -8.23 -1.34 -2.05
CA ALA A 179 -8.67 -2.58 -2.68
C ALA A 179 -8.61 -2.50 -4.19
N ILE A 180 -8.98 -1.34 -4.75
CA ILE A 180 -8.94 -1.16 -6.20
C ILE A 180 -7.50 -1.15 -6.69
N CYS A 181 -6.61 -0.56 -5.91
CA CYS A 181 -5.19 -0.60 -6.23
C CYS A 181 -4.68 -2.04 -6.36
N ILE A 182 -5.12 -2.93 -5.46
CA ILE A 182 -4.60 -4.29 -5.44
C ILE A 182 -5.14 -5.10 -6.62
N VAL A 183 -6.46 -5.10 -6.81
N VAL A 183 -6.46 -5.07 -6.82
CA VAL A 183 -7.05 -5.93 -7.85
CA VAL A 183 -7.10 -5.88 -7.86
C VAL A 183 -7.13 -5.14 -9.15
C VAL A 183 -7.13 -5.02 -9.12
N SER A 184 -5.98 -4.97 -9.80
CA SER A 184 -5.88 -4.26 -11.07
C SER A 184 -5.52 -5.24 -12.16
N PRO A 185 -6.30 -5.31 -13.25
CA PRO A 185 -6.02 -6.29 -14.31
C PRO A 185 -4.83 -5.94 -15.17
N ASP A 186 -4.23 -4.76 -15.01
CA ASP A 186 -3.11 -4.33 -15.84
C ASP A 186 -1.75 -4.54 -15.18
N ARG A 187 -1.69 -5.41 -14.17
CA ARG A 187 -0.38 -5.72 -13.60
C ARG A 187 0.35 -6.74 -14.47
N PRO A 188 1.67 -6.61 -14.63
CA PRO A 188 2.42 -7.62 -15.37
C PRO A 188 2.28 -8.98 -14.72
N GLY A 189 2.13 -10.01 -15.54
CA GLY A 189 2.04 -11.38 -15.07
C GLY A 189 0.65 -11.86 -14.76
N VAL A 190 -0.37 -11.01 -14.83
CA VAL A 190 -1.73 -11.41 -14.45
C VAL A 190 -2.27 -12.42 -15.46
N GLN A 191 -2.85 -13.51 -14.95
CA GLN A 191 -3.38 -14.61 -15.77
C GLN A 191 -4.82 -14.34 -16.19
N ASP A 192 -5.73 -14.33 -15.22
CA ASP A 192 -7.16 -14.16 -15.45
C ASP A 192 -7.50 -12.67 -15.32
N ALA A 193 -7.02 -11.90 -16.31
CA ALA A 193 -7.24 -10.46 -16.31
C ALA A 193 -8.73 -10.12 -16.25
N LYS A 194 -9.56 -10.92 -16.92
CA LYS A 194 -10.99 -10.62 -16.96
C LYS A 194 -11.64 -10.79 -15.59
N LEU A 195 -11.30 -11.86 -14.87
CA LEU A 195 -11.81 -12.02 -13.51
C LEU A 195 -11.34 -10.87 -12.61
N VAL A 196 -10.04 -10.57 -12.67
CA VAL A 196 -9.48 -9.45 -11.90
C VAL A 196 -10.24 -8.16 -12.21
N GLU A 197 -10.50 -7.92 -13.49
CA GLU A 197 -11.22 -6.71 -13.89
C GLU A 197 -12.66 -6.73 -13.39
N ALA A 198 -13.28 -7.91 -13.37
CA ALA A 198 -14.64 -8.01 -12.85
C ALA A 198 -14.69 -7.71 -11.36
N ILE A 199 -13.68 -8.17 -10.61
CA ILE A 199 -13.63 -7.84 -9.18
C ILE A 199 -13.39 -6.36 -8.99
N GLN A 200 -12.46 -5.77 -9.73
CA GLN A 200 -12.20 -4.34 -9.62
C GLN A 200 -13.43 -3.53 -9.97
N ASP A 201 -14.19 -3.98 -10.98
CA ASP A 201 -15.37 -3.24 -11.43
C ASP A 201 -16.37 -3.07 -10.30
N ARG A 202 -16.62 -4.14 -9.54
N ARG A 202 -16.62 -4.13 -9.54
CA ARG A 202 -17.59 -4.04 -8.45
CA ARG A 202 -17.60 -4.03 -8.46
C ARG A 202 -17.11 -3.10 -7.38
C ARG A 202 -17.11 -3.10 -7.36
N LEU A 203 -15.81 -3.09 -7.09
CA LEU A 203 -15.26 -2.15 -6.12
C LEU A 203 -15.34 -0.72 -6.67
N SER A 204 -14.99 -0.54 -7.94
CA SER A 204 -15.07 0.78 -8.57
C SER A 204 -16.49 1.32 -8.51
N ASN A 205 -17.45 0.51 -8.97
CA ASN A 205 -18.86 0.90 -8.88
C ASN A 205 -19.24 1.27 -7.46
N THR A 206 -18.75 0.50 -6.48
CA THR A 206 -19.09 0.75 -5.09
C THR A 206 -18.56 2.11 -4.65
N LEU A 207 -17.34 2.46 -5.07
CA LEU A 207 -16.77 3.73 -4.68
C LEU A 207 -17.43 4.89 -5.41
N GLN A 208 -17.66 4.74 -6.72
CA GLN A 208 -18.39 5.76 -7.46
C GLN A 208 -19.73 6.06 -6.82
N THR A 209 -20.44 5.03 -6.38
CA THR A 209 -21.75 5.22 -5.78
C THR A 209 -21.64 5.89 -4.41
N TYR A 210 -20.62 5.53 -3.64
CA TYR A 210 -20.42 6.19 -2.34
C TYR A 210 -20.13 7.68 -2.51
N ILE A 211 -19.38 8.03 -3.56
CA ILE A 211 -19.12 9.45 -3.81
C ILE A 211 -20.40 10.18 -4.19
N ARG A 212 -21.20 9.57 -5.07
CA ARG A 212 -22.44 10.21 -5.54
C ARG A 212 -23.46 10.37 -4.41
N CYS A 213 -23.47 9.46 -3.44
CA CYS A 213 -24.32 9.63 -2.27
C CYS A 213 -23.85 10.77 -1.37
N ARG A 214 -22.60 11.19 -1.53
CA ARG A 214 -22.00 12.20 -0.67
C ARG A 214 -21.83 13.55 -1.34
N HIS A 215 -21.54 13.58 -2.65
CA HIS A 215 -21.24 14.83 -3.35
C HIS A 215 -22.10 14.93 -4.61
N PRO A 216 -22.72 16.07 -4.86
CA PRO A 216 -23.46 16.26 -6.12
C PRO A 216 -22.51 16.54 -7.27
N PRO A 217 -22.96 16.38 -8.51
CA PRO A 217 -22.13 16.80 -9.64
C PRO A 217 -22.00 18.32 -9.68
N PRO A 218 -20.91 18.85 -10.26
CA PRO A 218 -19.82 18.08 -10.87
C PRO A 218 -18.77 17.66 -9.86
N GLY A 219 -18.90 18.11 -8.61
CA GLY A 219 -17.88 17.81 -7.62
C GLY A 219 -17.65 16.34 -7.42
N SER A 220 -18.71 15.53 -7.56
CA SER A 220 -18.59 14.09 -7.47
C SER A 220 -17.60 13.55 -8.49
N HIS A 221 -17.71 14.00 -9.74
CA HIS A 221 -16.80 13.52 -10.78
C HIS A 221 -15.41 14.09 -10.60
N GLN A 222 -15.27 15.29 -10.03
CA GLN A 222 -13.95 15.85 -9.81
C GLN A 222 -13.20 15.09 -8.73
N LEU A 223 -13.91 14.57 -7.73
CA LEU A 223 -13.24 13.78 -6.70
C LEU A 223 -12.81 12.43 -7.26
N TYR A 224 -13.73 11.71 -7.90
CA TYR A 224 -13.38 10.43 -8.51
C TYR A 224 -12.20 10.58 -9.46
N ALA A 225 -12.14 11.67 -10.21
CA ALA A 225 -11.03 11.90 -11.11
C ALA A 225 -9.72 12.13 -10.34
N LYS A 226 -9.80 12.79 -9.18
CA LYS A 226 -8.58 13.02 -8.39
C LYS A 226 -8.10 11.73 -7.75
N MET A 227 -9.02 10.80 -7.47
CA MET A 227 -8.59 9.52 -6.89
C MET A 227 -7.99 8.61 -7.95
N ILE A 228 -8.57 8.58 -9.15
CA ILE A 228 -7.99 7.82 -10.26
C ILE A 228 -6.57 8.32 -10.54
N GLN A 229 -6.39 9.65 -10.56
CA GLN A 229 -5.06 10.20 -10.84
C GLN A 229 -4.06 9.76 -9.77
N LYS A 230 -4.49 9.65 -8.52
CA LYS A 230 -3.63 9.15 -7.46
C LYS A 230 -3.22 7.71 -7.69
N LEU A 231 -4.09 6.90 -8.32
CA LEU A 231 -3.68 5.55 -8.69
C LEU A 231 -2.64 5.59 -9.80
N ALA A 232 -2.79 6.50 -10.76
CA ALA A 232 -1.74 6.71 -11.77
C ALA A 232 -0.43 7.15 -11.11
N ASP A 233 -0.52 8.01 -10.10
CA ASP A 233 0.68 8.49 -9.42
C ASP A 233 1.42 7.35 -8.73
N LEU A 234 0.68 6.46 -8.06
CA LEU A 234 1.29 5.31 -7.38
C LEU A 234 2.04 4.41 -8.34
N ARG A 235 1.55 4.26 -9.58
CA ARG A 235 2.28 3.48 -10.57
C ARG A 235 3.67 4.06 -10.81
N SER A 236 3.77 5.38 -10.96
CA SER A 236 5.06 5.98 -11.23
C SER A 236 5.92 6.05 -9.98
N LEU A 237 5.32 6.17 -8.79
CA LEU A 237 6.09 6.01 -7.57
C LEU A 237 6.57 4.57 -7.41
N ASN A 238 5.77 3.62 -7.85
CA ASN A 238 6.18 2.22 -7.88
C ASN A 238 7.43 2.04 -8.73
N GLU A 239 7.38 2.50 -9.97
CA GLU A 239 8.54 2.36 -10.87
C GLU A 239 9.79 2.99 -10.28
N GLU A 240 9.66 4.15 -9.62
CA GLU A 240 10.84 4.83 -9.09
C GLU A 240 11.39 4.14 -7.86
N HIS A 241 10.52 3.67 -6.96
CA HIS A 241 11.00 2.90 -5.82
C HIS A 241 11.69 1.62 -6.29
N SER A 242 11.14 0.96 -7.32
N SER A 242 11.13 0.96 -7.31
CA SER A 242 11.71 -0.29 -7.78
CA SER A 242 11.71 -0.29 -7.79
C SER A 242 13.11 -0.10 -8.34
C SER A 242 13.11 -0.09 -8.32
N LYS A 243 13.32 0.99 -9.10
CA LYS A 243 14.66 1.27 -9.62
C LYS A 243 15.66 1.50 -8.50
N GLN A 244 15.27 2.28 -7.50
CA GLN A 244 16.18 2.52 -6.39
C GLN A 244 16.34 1.27 -5.52
N TYR A 245 15.25 0.50 -5.33
CA TYR A 245 15.37 -0.75 -4.59
C TYR A 245 16.31 -1.71 -5.30
N ARG A 246 16.18 -1.84 -6.62
N ARG A 246 16.17 -1.85 -6.62
CA ARG A 246 17.07 -2.71 -7.37
CA ARG A 246 17.07 -2.69 -7.40
C ARG A 246 18.54 -2.27 -7.22
C ARG A 246 18.53 -2.26 -7.19
N SER A 247 18.78 -0.96 -7.25
CA SER A 247 20.14 -0.47 -7.06
C SER A 247 20.64 -0.71 -5.64
N LEU A 248 19.79 -0.47 -4.64
CA LEU A 248 20.21 -0.63 -3.25
C LEU A 248 20.44 -2.11 -2.92
N SER A 249 19.46 -2.96 -3.25
CA SER A 249 19.54 -4.37 -2.87
C SER A 249 20.58 -5.13 -3.68
N PHE A 250 21.10 -4.54 -4.76
CA PHE A 250 22.19 -5.19 -5.49
C PHE A 250 23.48 -5.22 -4.68
N GLN A 251 23.66 -4.31 -3.73
CA GLN A 251 24.81 -4.31 -2.85
C GLN A 251 24.58 -5.32 -1.72
N PRO A 252 25.42 -6.35 -1.58
CA PRO A 252 25.18 -7.35 -0.52
C PRO A 252 25.16 -6.75 0.87
N GLU A 253 25.88 -5.64 1.09
CA GLU A 253 25.85 -4.99 2.40
C GLU A 253 24.49 -4.40 2.71
N ASN A 254 23.74 -3.97 1.68
CA ASN A 254 22.37 -3.53 1.92
C ASN A 254 21.41 -4.71 2.01
N SER A 255 21.55 -5.67 1.09
CA SER A 255 20.71 -6.87 1.14
C SER A 255 20.74 -7.53 2.51
N MET A 256 21.92 -7.56 3.13
CA MET A 256 22.07 -8.17 4.45
C MET A 256 21.18 -7.53 5.49
N LYS A 257 20.86 -6.25 5.31
CA LYS A 257 20.05 -5.53 6.29
C LYS A 257 18.56 -5.66 6.04
N LEU A 258 18.15 -6.27 4.94
CA LEU A 258 16.73 -6.42 4.65
C LEU A 258 16.19 -7.60 5.45
N THR A 259 14.94 -7.97 5.20
CA THR A 259 14.36 -9.15 5.81
C THR A 259 14.06 -10.17 4.72
N PRO A 260 13.91 -11.45 5.09
CA PRO A 260 13.59 -12.47 4.07
C PRO A 260 12.31 -12.20 3.29
N LEU A 261 11.26 -11.70 3.96
CA LEU A 261 10.00 -11.42 3.26
C LEU A 261 10.17 -10.27 2.26
N VAL A 262 10.96 -9.26 2.60
CA VAL A 262 11.20 -8.17 1.66
C VAL A 262 11.93 -8.69 0.42
N LEU A 263 12.99 -9.48 0.64
CA LEU A 263 13.75 -10.03 -0.48
C LEU A 263 12.88 -10.91 -1.37
N GLU A 264 12.03 -11.74 -0.76
CA GLU A 264 11.12 -12.57 -1.56
C GLU A 264 10.11 -11.74 -2.32
N VAL A 265 9.38 -10.86 -1.62
CA VAL A 265 8.26 -10.17 -2.24
C VAL A 265 8.75 -9.14 -3.26
N PHE A 266 9.75 -8.33 -2.88
CA PHE A 266 10.30 -7.30 -3.76
C PHE A 266 11.32 -7.84 -4.77
N GLY A 267 11.68 -9.12 -4.70
CA GLY A 267 12.69 -9.64 -5.59
C GLY A 267 12.18 -10.67 -6.58
N ASN A 268 12.84 -11.83 -6.62
CA ASN A 268 12.41 -12.91 -7.49
C ASN A 268 11.82 -14.06 -6.66
N LYS B 1 7.63 -23.59 -6.41
CA LYS B 1 7.31 -22.17 -6.52
C LYS B 1 8.37 -21.31 -5.82
N ASN B 2 8.41 -20.04 -6.19
CA ASN B 2 9.46 -19.13 -5.77
C ASN B 2 9.14 -18.37 -4.49
N HIS B 3 7.90 -18.42 -3.99
CA HIS B 3 7.43 -17.50 -2.95
C HIS B 3 6.81 -18.24 -1.77
N PRO B 4 7.59 -19.07 -1.08
CA PRO B 4 7.01 -19.86 0.02
C PRO B 4 6.51 -19.01 1.18
N MET B 5 7.21 -17.93 1.50
CA MET B 5 6.80 -17.11 2.64
C MET B 5 5.53 -16.34 2.33
N LEU B 6 5.43 -15.81 1.12
CA LEU B 6 4.21 -15.13 0.69
C LEU B 6 3.05 -16.12 0.56
N MET B 7 3.31 -17.27 -0.08
CA MET B 7 2.30 -18.33 -0.13
C MET B 7 1.82 -18.71 1.26
N ASN B 8 2.75 -18.83 2.21
CA ASN B 8 2.38 -19.16 3.58
C ASN B 8 1.48 -18.10 4.20
N LEU B 9 1.81 -16.82 3.99
CA LEU B 9 0.97 -15.74 4.51
C LEU B 9 -0.38 -15.69 3.81
N LEU B 10 -0.45 -16.15 2.56
CA LEU B 10 -1.74 -16.35 1.92
C LEU B 10 -2.43 -17.61 2.38
N LYS B 11 -1.70 -18.52 3.04
CA LYS B 11 -2.20 -19.83 3.44
C LYS B 11 -2.75 -20.59 2.24
C10 A1L73 C . 11.02 2.71 3.37
C13 A1L73 C . 8.51 3.30 2.42
C15 A1L73 C . 8.77 5.78 5.95
C20 A1L73 C . 0.74 0.97 9.31
C21 A1L73 C . 0.56 0.79 10.81
C22 A1L73 C . -0.02 -0.57 11.07
C24 A1L73 C . 13.47 0.09 0.92
C26 A1L73 C . 12.82 -1.30 1.17
C28 A1L73 C . 12.93 -1.80 2.63
C01 A1L73 C . 5.08 2.34 6.65
C02 A1L73 C . 4.42 3.30 7.42
C03 A1L73 C . 4.79 4.63 7.33
C04 A1L73 C . 5.76 5.01 6.49
C05 A1L73 C . 6.40 4.11 5.73
C06 A1L73 C . 6.08 2.75 5.80
C08 A1L73 C . 8.91 3.80 3.62
C09 A1L73 C . 10.16 3.51 4.08
C11 A1L73 C . 10.62 2.20 2.16
C12 A1L73 C . 9.36 2.49 1.67
C14 A1L73 C . 6.96 6.22 3.51
C18 A1L73 C . 2.78 1.91 8.38
C19 A1L73 C . 1.46 2.24 9.03
C23 A1L73 C . 12.80 1.20 1.78
C25 A1L73 C . 15.00 0.06 1.23
C27 A1L73 C . 15.73 -0.92 0.32
C33 A1L73 C . 6.86 1.81 4.93
C34 A1L73 C . 7.13 3.61 1.91
O16 A1L73 C . 11.47 1.37 1.38
O17 A1L73 C . 3.39 3.12 8.33
O29 A1L73 C . 13.30 0.44 -0.37
O30 A1L73 C . -0.33 -1.26 10.16
O31 A1L73 C . -0.14 -0.98 12.19
O32 A1L73 C . 0.70 2.78 8.08
SI07 A1L73 C . 7.74 4.93 4.65
#